data_2W31
#
_entry.id   2W31
#
_cell.length_a   56.634
_cell.length_b   73.830
_cell.length_c   89.872
_cell.angle_alpha   90.00
_cell.angle_beta   90.00
_cell.angle_gamma   90.00
#
_symmetry.space_group_name_H-M   'P 21 21 21'
#
loop_
_entity.id
_entity.type
_entity.pdbx_description
1 polymer GLOBIN
2 non-polymer 'PROTOPORPHYRIN IX CONTAINING FE'
3 non-polymer GLYCEROL
4 water water
#
_entity_poly.entity_id   1
_entity_poly.type   'polypeptide(L)'
_entity_poly.pdbx_seq_one_letter_code
;MLTMQEIKAHYRFTDEDAELLGSLFPLAETNKERLADQFYDYLLGIPETAEFLKEDLVLQKLKQTHQDWFVSLFAGSYDN
RYIHNLQKIGHAHVRVGLNAHYVNVAMNVVRQFTLSIIQDNFPDPEERRQRREAVEKILDINLDIMSASYREEEMRKFFV
SH
;
_entity_poly.pdbx_strand_id   A,B
#
# COMPACT_ATOMS: atom_id res chain seq x y z
N MET A 1 -15.59 -7.02 10.09
CA MET A 1 -14.44 -6.97 9.14
C MET A 1 -14.83 -7.24 7.69
N LEU A 2 -15.68 -8.25 7.46
CA LEU A 2 -15.79 -8.84 6.14
C LEU A 2 -16.66 -8.09 5.16
N THR A 3 -17.68 -7.38 5.62
CA THR A 3 -18.55 -6.69 4.65
C THR A 3 -17.86 -5.45 4.10
N MET A 4 -18.32 -4.95 2.95
CA MET A 4 -17.81 -3.70 2.37
CA MET A 4 -17.73 -3.73 2.40
C MET A 4 -18.03 -2.50 3.27
N GLN A 5 -19.21 -2.43 3.88
CA GLN A 5 -19.54 -1.32 4.75
C GLN A 5 -18.51 -1.26 5.89
N GLU A 6 -18.20 -2.41 6.48
CA GLU A 6 -17.20 -2.49 7.55
C GLU A 6 -15.81 -2.09 7.07
N ILE A 7 -15.41 -2.62 5.92
CA ILE A 7 -14.11 -2.27 5.35
C ILE A 7 -13.98 -0.78 5.09
N LYS A 8 -14.97 -0.19 4.41
CA LYS A 8 -15.00 1.26 4.17
C LYS A 8 -14.88 2.05 5.46
N ALA A 9 -15.65 1.67 6.48
CA ALA A 9 -15.56 2.33 7.77
C ALA A 9 -14.12 2.30 8.34
N HIS A 10 -13.46 1.13 8.28
CA HIS A 10 -12.11 1.03 8.82
C HIS A 10 -11.12 1.95 8.12
N TYR A 11 -11.26 2.08 6.79
CA TYR A 11 -10.40 2.97 6.01
C TYR A 11 -10.92 4.41 5.93
N ARG A 12 -12.05 4.69 6.60
CA ARG A 12 -12.73 5.98 6.48
C ARG A 12 -12.95 6.37 5.00
N PHE A 13 -13.40 5.41 4.22
CA PHE A 13 -13.74 5.64 2.81
C PHE A 13 -15.21 6.00 2.77
N THR A 14 -15.51 7.18 2.24
CA THR A 14 -16.89 7.68 2.24
C THR A 14 -17.40 8.02 0.85
N ASP A 15 -18.67 8.45 0.76
CA ASP A 15 -19.18 8.86 -0.54
C ASP A 15 -18.35 9.98 -1.18
N GLU A 16 -17.74 10.85 -0.36
CA GLU A 16 -16.84 11.85 -0.92
C GLU A 16 -15.66 11.21 -1.65
N ASP A 17 -15.07 10.16 -1.06
CA ASP A 17 -13.98 9.49 -1.75
C ASP A 17 -14.48 8.86 -3.07
N ALA A 18 -15.66 8.24 -3.04
CA ALA A 18 -16.21 7.64 -4.30
C ALA A 18 -16.41 8.71 -5.36
N GLU A 19 -16.95 9.87 -4.95
CA GLU A 19 -17.13 10.99 -5.90
C GLU A 19 -15.79 11.48 -6.48
N LEU A 20 -14.76 11.52 -5.64
CA LEU A 20 -13.47 11.96 -6.14
C LEU A 20 -12.87 10.96 -7.11
N LEU A 21 -13.00 9.66 -6.80
CA LEU A 21 -12.53 8.65 -7.76
C LEU A 21 -13.30 8.78 -9.09
N GLY A 22 -14.63 9.00 -9.03
CA GLY A 22 -15.39 9.22 -10.27
C GLY A 22 -14.85 10.42 -11.05
N SER A 23 -14.48 11.50 -10.35
CA SER A 23 -13.96 12.70 -10.99
C SER A 23 -12.62 12.44 -11.69
N LEU A 24 -11.90 11.40 -11.26
CA LEU A 24 -10.65 10.99 -11.91
C LEU A 24 -10.83 10.03 -13.08
N PHE A 25 -12.07 9.60 -13.35
CA PHE A 25 -12.30 8.61 -14.39
C PHE A 25 -11.72 9.05 -15.78
N PRO A 26 -12.01 10.31 -16.19
CA PRO A 26 -11.46 10.73 -17.49
C PRO A 26 -9.94 10.64 -17.60
N LEU A 27 -9.21 11.05 -16.56
CA LEU A 27 -7.76 10.91 -16.57
C LEU A 27 -7.27 9.49 -16.58
N ALA A 28 -7.93 8.64 -15.81
CA ALA A 28 -7.56 7.23 -15.78
C ALA A 28 -7.79 6.60 -17.14
N GLU A 29 -8.92 6.92 -17.75
CA GLU A 29 -9.24 6.38 -19.05
C GLU A 29 -8.27 6.88 -20.13
N THR A 30 -7.95 8.17 -20.10
CA THR A 30 -6.95 8.76 -21.01
C THR A 30 -5.60 8.05 -20.93
N ASN A 31 -5.23 7.67 -19.70
CA ASN A 31 -3.93 7.09 -19.38
C ASN A 31 -3.88 5.56 -19.30
N LYS A 32 -4.97 4.88 -19.64
CA LYS A 32 -5.11 3.47 -19.40
C LYS A 32 -4.05 2.64 -20.17
N GLU A 33 -3.78 3.02 -21.41
CA GLU A 33 -2.78 2.28 -22.21
C GLU A 33 -1.35 2.49 -21.70
N ARG A 34 -1.03 3.73 -21.30
CA ARG A 34 0.27 4.07 -20.70
C ARG A 34 0.48 3.22 -19.44
N LEU A 35 -0.56 3.16 -18.59
CA LEU A 35 -0.55 2.32 -17.39
C LEU A 35 -0.33 0.85 -17.78
N ALA A 36 -1.10 0.36 -18.75
CA ALA A 36 -1.01 -1.04 -19.16
C ALA A 36 0.38 -1.40 -19.70
N ASP A 37 0.98 -0.49 -20.48
CA ASP A 37 2.31 -0.71 -21.06
C ASP A 37 3.36 -0.73 -19.95
N GLN A 38 3.29 0.24 -19.04
CA GLN A 38 4.28 0.36 -17.97
C GLN A 38 4.16 -0.83 -17.03
N PHE A 39 2.92 -1.20 -16.66
CA PHE A 39 2.64 -2.33 -15.79
C PHE A 39 3.19 -3.63 -16.39
N TYR A 40 2.82 -3.87 -17.66
CA TYR A 40 3.24 -5.08 -18.37
C TYR A 40 4.76 -5.14 -18.54
N ASP A 41 5.35 -4.03 -18.95
CA ASP A 41 6.83 -4.00 -19.13
C ASP A 41 7.61 -4.17 -17.81
N TYR A 42 7.09 -3.65 -16.70
CA TYR A 42 7.74 -3.84 -15.41
C TYR A 42 7.76 -5.35 -15.04
N LEU A 43 6.67 -6.05 -15.31
CA LEU A 43 6.59 -7.49 -15.01
C LEU A 43 7.52 -8.32 -15.89
N LEU A 44 7.64 -7.89 -17.15
CA LEU A 44 8.50 -8.54 -18.14
C LEU A 44 9.96 -8.40 -17.74
N GLY A 45 10.21 -7.45 -16.85
CA GLY A 45 11.55 -7.16 -16.34
C GLY A 45 11.99 -7.97 -15.15
N ILE A 46 11.06 -8.70 -14.53
CA ILE A 46 11.38 -9.60 -13.44
C ILE A 46 11.19 -11.04 -13.95
N PRO A 47 12.27 -11.84 -14.01
CA PRO A 47 12.15 -13.23 -14.50
C PRO A 47 10.97 -14.06 -13.94
N GLU A 48 10.74 -14.01 -12.63
CA GLU A 48 9.64 -14.78 -12.01
C GLU A 48 8.19 -14.43 -12.48
N THR A 49 7.90 -13.14 -12.62
CA THR A 49 6.61 -12.72 -13.18
C THR A 49 6.65 -12.85 -14.72
N ALA A 50 7.82 -12.67 -15.32
CA ALA A 50 7.95 -12.76 -16.77
C ALA A 50 7.50 -14.15 -17.27
N GLU A 51 7.72 -15.18 -16.45
CA GLU A 51 7.25 -16.52 -16.76
C GLU A 51 5.78 -16.56 -17.12
N PHE A 52 4.94 -15.88 -16.34
CA PHE A 52 3.49 -15.98 -16.50
C PHE A 52 3.02 -15.30 -17.73
N LEU A 53 3.90 -14.53 -18.38
CA LEU A 53 3.54 -13.77 -19.58
C LEU A 53 4.03 -14.40 -20.87
N LYS A 54 4.62 -15.60 -20.80
CA LYS A 54 5.15 -16.28 -21.99
C LYS A 54 4.02 -16.75 -22.89
N GLU A 55 3.02 -17.45 -22.34
CA GLU A 55 1.88 -17.90 -23.16
C GLU A 55 1.13 -16.72 -23.73
N ASP A 56 1.10 -15.67 -22.93
CA ASP A 56 0.40 -14.46 -23.30
C ASP A 56 1.03 -13.74 -24.47
N LEU A 57 2.29 -14.08 -24.78
CA LEU A 57 2.95 -13.37 -25.90
C LEU A 57 2.09 -13.51 -27.14
N VAL A 58 1.59 -14.72 -27.38
CA VAL A 58 0.73 -14.96 -28.55
C VAL A 58 -0.75 -14.67 -28.23
N LEU A 59 -1.26 -15.19 -27.11
CA LEU A 59 -2.68 -15.01 -26.76
C LEU A 59 -3.10 -13.54 -26.67
N GLN A 60 -2.25 -12.72 -26.07
CA GLN A 60 -2.42 -11.26 -26.09
C GLN A 60 -3.70 -10.82 -25.39
N LYS A 61 -3.82 -11.22 -24.13
CA LYS A 61 -5.02 -10.99 -23.36
C LYS A 61 -4.72 -10.26 -22.06
N LEU A 62 -3.62 -10.64 -21.40
CA LEU A 62 -3.38 -10.20 -20.01
C LEU A 62 -3.12 -8.69 -19.84
N LYS A 63 -2.50 -8.03 -20.81
CA LYS A 63 -2.37 -6.57 -20.78
C LYS A 63 -3.75 -5.91 -20.68
N GLN A 64 -4.70 -6.34 -21.52
CA GLN A 64 -6.06 -5.83 -21.49
C GLN A 64 -6.80 -6.17 -20.18
N THR A 65 -6.61 -7.39 -19.67
CA THR A 65 -7.25 -7.78 -18.42
C THR A 65 -6.85 -6.87 -17.24
N HIS A 66 -5.56 -6.57 -17.14
CA HIS A 66 -5.09 -5.71 -16.04
C HIS A 66 -5.43 -4.22 -16.32
N GLN A 67 -5.46 -3.84 -17.61
CA GLN A 67 -5.89 -2.48 -17.98
C GLN A 67 -7.35 -2.25 -17.51
N ASP A 68 -8.19 -3.24 -17.72
CA ASP A 68 -9.62 -3.14 -17.37
C ASP A 68 -9.80 -3.01 -15.86
N TRP A 69 -9.02 -3.78 -15.09
CA TRP A 69 -9.06 -3.69 -13.62
C TRP A 69 -8.70 -2.25 -13.15
N PHE A 70 -7.67 -1.68 -13.77
CA PHE A 70 -7.25 -0.31 -13.43
C PHE A 70 -8.41 0.70 -13.62
N VAL A 71 -9.06 0.62 -14.77
CA VAL A 71 -10.21 1.49 -15.01
C VAL A 71 -11.33 1.29 -13.99
N SER A 72 -11.56 0.04 -13.57
CA SER A 72 -12.59 -0.26 -12.60
CA SER A 72 -12.59 -0.26 -12.60
C SER A 72 -12.39 0.40 -11.24
N LEU A 73 -11.13 0.77 -10.90
CA LEU A 73 -10.88 1.48 -9.64
C LEU A 73 -11.68 2.77 -9.56
N PHE A 74 -11.97 3.34 -10.74
CA PHE A 74 -12.60 4.67 -10.85
C PHE A 74 -14.08 4.60 -11.29
N ALA A 75 -14.62 3.39 -11.38
CA ALA A 75 -15.93 3.18 -12.01
C ALA A 75 -17.13 3.37 -11.08
N GLY A 76 -16.88 3.54 -9.78
CA GLY A 76 -18.00 3.79 -8.86
C GLY A 76 -18.55 2.42 -8.38
N SER A 77 -19.66 2.42 -7.66
CA SER A 77 -20.26 1.15 -7.14
CA SER A 77 -20.25 1.13 -7.19
C SER A 77 -19.31 0.23 -6.35
N TYR A 78 -18.73 0.78 -5.30
CA TYR A 78 -17.84 0.07 -4.36
C TYR A 78 -18.73 -0.61 -3.31
N ASP A 79 -19.28 -1.78 -3.64
CA ASP A 79 -20.31 -2.41 -2.81
C ASP A 79 -19.95 -3.87 -2.57
N ASN A 80 -20.91 -4.67 -2.10
CA ASN A 80 -20.52 -6.05 -1.80
C ASN A 80 -20.21 -6.88 -3.05
N ARG A 81 -20.81 -6.54 -4.18
CA ARG A 81 -20.43 -7.12 -5.46
C ARG A 81 -18.96 -6.83 -5.81
N TYR A 82 -18.54 -5.60 -5.55
CA TYR A 82 -17.16 -5.23 -5.81
C TYR A 82 -16.18 -6.06 -4.97
N ILE A 83 -16.46 -6.23 -3.66
CA ILE A 83 -15.59 -7.05 -2.82
CA ILE A 83 -15.61 -7.05 -2.80
C ILE A 83 -15.55 -8.51 -3.26
N HIS A 84 -16.70 -9.04 -3.67
CA HIS A 84 -16.75 -10.43 -4.08
C HIS A 84 -15.88 -10.63 -5.29
N ASN A 85 -15.94 -9.68 -6.21
CA ASN A 85 -15.12 -9.72 -7.40
C ASN A 85 -13.62 -9.67 -7.09
N LEU A 86 -13.23 -8.84 -6.12
CA LEU A 86 -11.83 -8.79 -5.68
C LEU A 86 -11.33 -10.10 -5.08
N GLN A 87 -12.21 -10.76 -4.34
CA GLN A 87 -11.89 -12.06 -3.74
C GLN A 87 -11.61 -13.03 -4.88
N LYS A 88 -12.41 -12.95 -5.94
CA LYS A 88 -12.23 -13.81 -7.12
C LYS A 88 -10.90 -13.54 -7.80
N ILE A 89 -10.57 -12.27 -7.94
CA ILE A 89 -9.31 -11.85 -8.56
CA ILE A 89 -9.32 -11.94 -8.62
C ILE A 89 -8.15 -12.41 -7.75
N GLY A 90 -8.24 -12.27 -6.43
CA GLY A 90 -7.20 -12.78 -5.55
C GLY A 90 -6.97 -14.27 -5.77
N HIS A 91 -8.06 -15.03 -5.78
CA HIS A 91 -7.98 -16.49 -5.95
C HIS A 91 -7.44 -16.95 -7.31
N ALA A 92 -7.66 -16.15 -8.35
CA ALA A 92 -7.13 -16.45 -9.69
C ALA A 92 -5.60 -16.51 -9.64
N HIS A 93 -5.00 -15.59 -8.87
CA HIS A 93 -3.55 -15.54 -8.76
CA HIS A 93 -3.54 -15.55 -8.69
C HIS A 93 -3.00 -16.70 -7.89
N VAL A 94 -3.73 -17.05 -6.83
CA VAL A 94 -3.38 -18.18 -6.01
C VAL A 94 -3.37 -19.43 -6.89
N ARG A 95 -4.46 -19.61 -7.66
CA ARG A 95 -4.64 -20.78 -8.54
CA ARG A 95 -4.64 -20.79 -8.52
C ARG A 95 -3.51 -20.99 -9.57
N VAL A 96 -3.01 -19.91 -10.17
CA VAL A 96 -1.94 -20.05 -11.18
C VAL A 96 -0.52 -20.15 -10.60
N GLY A 97 -0.39 -19.98 -9.28
CA GLY A 97 0.87 -20.20 -8.61
C GLY A 97 1.72 -18.95 -8.45
N LEU A 98 1.09 -17.79 -8.60
CA LEU A 98 1.81 -16.53 -8.40
C LEU A 98 2.02 -16.24 -6.87
N ASN A 99 3.26 -15.99 -6.47
CA ASN A 99 3.52 -15.67 -5.06
C ASN A 99 2.88 -14.30 -4.75
N ALA A 100 2.23 -14.21 -3.59
CA ALA A 100 1.54 -12.96 -3.16
C ALA A 100 2.51 -11.76 -3.18
N HIS A 101 3.80 -11.96 -2.89
CA HIS A 101 4.79 -10.86 -2.95
C HIS A 101 4.67 -10.05 -4.23
N TYR A 102 4.42 -10.71 -5.36
CA TYR A 102 4.37 -10.00 -6.65
C TYR A 102 3.10 -9.17 -6.81
N VAL A 103 2.04 -9.54 -6.07
CA VAL A 103 0.83 -8.69 -6.01
C VAL A 103 1.18 -7.38 -5.29
N ASN A 104 1.88 -7.49 -4.14
CA ASN A 104 2.34 -6.26 -3.49
C ASN A 104 3.25 -5.42 -4.40
N VAL A 105 4.15 -6.09 -5.10
CA VAL A 105 5.07 -5.42 -6.02
C VAL A 105 4.30 -4.69 -7.11
N ALA A 106 3.33 -5.37 -7.72
CA ALA A 106 2.55 -4.80 -8.81
C ALA A 106 1.75 -3.60 -8.34
N MET A 107 1.29 -3.64 -7.09
CA MET A 107 0.41 -2.61 -6.56
C MET A 107 1.19 -1.33 -6.28
N ASN A 108 2.48 -1.47 -5.98
CA ASN A 108 3.40 -0.32 -5.90
C ASN A 108 3.54 0.38 -7.27
N VAL A 109 3.65 -0.43 -8.34
CA VAL A 109 3.73 0.14 -9.68
C VAL A 109 2.50 1.01 -9.99
N VAL A 110 1.31 0.46 -9.72
CA VAL A 110 0.06 1.20 -9.98
C VAL A 110 -0.01 2.46 -9.10
N ARG A 111 0.41 2.32 -7.85
CA ARG A 111 0.32 3.44 -6.92
C ARG A 111 1.22 4.61 -7.40
N GLN A 112 2.45 4.31 -7.82
CA GLN A 112 3.39 5.39 -8.19
C GLN A 112 2.84 6.05 -9.46
N PHE A 113 2.32 5.24 -10.38
CA PHE A 113 1.82 5.77 -11.67
C PHE A 113 0.64 6.72 -11.42
N THR A 114 -0.31 6.27 -10.59
CA THR A 114 -1.53 7.06 -10.35
C THR A 114 -1.25 8.32 -9.56
N LEU A 115 -0.33 8.26 -8.61
CA LEU A 115 -0.03 9.48 -7.87
C LEU A 115 0.71 10.50 -8.74
N SER A 116 1.47 10.00 -9.70
CA SER A 116 2.11 10.93 -10.66
C SER A 116 1.07 11.62 -11.52
N ILE A 117 0.04 10.90 -11.98
CA ILE A 117 -1.09 11.57 -12.71
C ILE A 117 -1.72 12.66 -11.85
N ILE A 118 -1.93 12.39 -10.58
CA ILE A 118 -2.54 13.38 -9.70
C ILE A 118 -1.62 14.58 -9.54
N GLN A 119 -0.32 14.36 -9.27
CA GLN A 119 0.62 15.47 -9.08
C GLN A 119 0.66 16.37 -10.33
N ASP A 120 0.64 15.72 -11.49
CA ASP A 120 0.84 16.40 -12.77
C ASP A 120 -0.41 17.16 -13.28
N ASN A 121 -1.57 16.89 -12.68
CA ASN A 121 -2.85 17.46 -13.18
C ASN A 121 -3.62 18.34 -12.20
N PHE A 122 -3.19 18.36 -10.95
CA PHE A 122 -3.86 19.10 -9.87
C PHE A 122 -2.88 20.00 -9.11
N PRO A 123 -2.69 21.25 -9.61
CA PRO A 123 -1.76 22.18 -8.93
C PRO A 123 -2.27 22.64 -7.57
N ASP A 124 -3.60 22.69 -7.39
CA ASP A 124 -4.14 23.12 -6.10
C ASP A 124 -3.92 22.07 -5.01
N PRO A 125 -3.24 22.45 -3.89
CA PRO A 125 -2.82 21.52 -2.81
C PRO A 125 -3.92 20.66 -2.18
N GLU A 126 -5.10 21.20 -1.91
CA GLU A 126 -6.11 20.47 -1.19
C GLU A 126 -6.87 19.62 -2.20
N GLU A 127 -6.98 20.09 -3.45
CA GLU A 127 -7.57 19.22 -4.49
C GLU A 127 -6.68 17.99 -4.62
N ARG A 128 -5.38 18.22 -4.68
CA ARG A 128 -4.39 17.14 -4.83
C ARG A 128 -4.46 16.20 -3.61
N ARG A 129 -4.50 16.78 -2.40
CA ARG A 129 -4.49 15.96 -1.19
C ARG A 129 -5.72 15.04 -1.15
N GLN A 130 -6.89 15.62 -1.45
CA GLN A 130 -8.12 14.85 -1.41
C GLN A 130 -8.15 13.72 -2.43
N ARG A 131 -7.66 13.97 -3.64
CA ARG A 131 -7.61 12.94 -4.70
C ARG A 131 -6.57 11.86 -4.37
N ARG A 132 -5.41 12.27 -3.85
CA ARG A 132 -4.41 11.28 -3.43
CA ARG A 132 -4.40 11.30 -3.40
C ARG A 132 -4.98 10.42 -2.30
N GLU A 133 -5.66 11.05 -1.32
CA GLU A 133 -6.19 10.24 -0.22
C GLU A 133 -7.22 9.20 -0.69
N ALA A 134 -8.09 9.57 -1.66
CA ALA A 134 -9.10 8.65 -2.17
C ALA A 134 -8.42 7.47 -2.90
N VAL A 135 -7.42 7.79 -3.76
CA VAL A 135 -6.72 6.75 -4.54
C VAL A 135 -5.96 5.81 -3.59
N GLU A 136 -5.28 6.38 -2.59
CA GLU A 136 -4.56 5.48 -1.65
C GLU A 136 -5.51 4.54 -0.92
N LYS A 137 -6.70 5.01 -0.53
CA LYS A 137 -7.69 4.14 0.09
C LYS A 137 -8.15 3.01 -0.86
N ILE A 138 -8.52 3.34 -2.08
CA ILE A 138 -9.02 2.27 -2.96
C ILE A 138 -7.93 1.25 -3.31
N LEU A 139 -6.71 1.73 -3.55
CA LEU A 139 -5.60 0.79 -3.87
C LEU A 139 -5.35 -0.09 -2.63
N ASP A 140 -5.30 0.52 -1.44
CA ASP A 140 -5.05 -0.27 -0.20
C ASP A 140 -6.17 -1.27 0.08
N ILE A 141 -7.42 -0.88 -0.19
CA ILE A 141 -8.54 -1.81 -0.07
C ILE A 141 -8.39 -2.98 -1.04
N ASN A 142 -8.02 -2.69 -2.30
CA ASN A 142 -7.79 -3.75 -3.28
C ASN A 142 -6.71 -4.74 -2.82
N LEU A 143 -5.58 -4.19 -2.38
CA LEU A 143 -4.47 -5.02 -1.93
C LEU A 143 -4.85 -5.84 -0.69
N ASP A 144 -5.64 -5.25 0.20
CA ASP A 144 -6.07 -5.90 1.45
C ASP A 144 -6.91 -7.14 1.09
N ILE A 145 -7.92 -6.96 0.24
CA ILE A 145 -8.84 -8.07 -0.08
CA ILE A 145 -8.83 -8.08 -0.07
C ILE A 145 -8.11 -9.18 -0.87
N MET A 146 -7.26 -8.77 -1.81
CA MET A 146 -6.47 -9.74 -2.58
C MET A 146 -5.52 -10.54 -1.67
N SER A 147 -4.92 -9.83 -0.70
CA SER A 147 -3.96 -10.47 0.23
C SER A 147 -4.69 -11.52 1.05
N ALA A 148 -5.90 -11.19 1.48
CA ALA A 148 -6.71 -12.13 2.26
C ALA A 148 -7.08 -13.40 1.49
N SER A 149 -7.12 -13.36 0.15
CA SER A 149 -7.37 -14.58 -0.65
C SER A 149 -6.30 -15.63 -0.50
N TYR A 150 -5.06 -15.22 -0.25
CA TYR A 150 -3.97 -16.16 -0.02
C TYR A 150 -4.05 -16.84 1.34
N ARG A 151 -4.81 -16.26 2.26
CA ARG A 151 -4.97 -16.79 3.62
C ARG A 151 -6.27 -17.57 3.81
N GLU A 152 -7.27 -17.33 2.96
CA GLU A 152 -8.66 -17.68 3.25
C GLU A 152 -9.27 -18.48 2.11
N MET B 1 12.54 -16.92 2.60
CA MET B 1 12.16 -15.50 2.38
C MET B 1 13.21 -14.92 1.42
N LEU B 2 12.86 -13.90 0.64
CA LEU B 2 13.85 -13.27 -0.25
C LEU B 2 14.89 -12.46 0.54
N THR B 3 16.02 -12.21 -0.11
CA THR B 3 17.04 -11.31 0.45
C THR B 3 16.64 -9.84 0.27
N MET B 4 17.21 -8.95 1.10
CA MET B 4 16.96 -7.52 0.91
CA MET B 4 16.95 -7.52 0.90
C MET B 4 17.31 -7.06 -0.52
N GLN B 5 18.41 -7.58 -1.05
CA GLN B 5 18.82 -7.22 -2.40
C GLN B 5 17.76 -7.55 -3.43
N GLU B 6 17.20 -8.76 -3.35
CA GLU B 6 16.16 -9.19 -4.31
C GLU B 6 14.91 -8.36 -4.18
N ILE B 7 14.52 -8.10 -2.94
CA ILE B 7 13.31 -7.24 -2.68
C ILE B 7 13.49 -5.84 -3.24
N LYS B 8 14.68 -5.28 -3.04
CA LYS B 8 14.96 -3.94 -3.57
C LYS B 8 14.85 -3.99 -5.08
N ALA B 9 15.38 -5.05 -5.73
CA ALA B 9 15.36 -5.12 -7.21
C ALA B 9 13.90 -5.15 -7.67
N HIS B 10 13.05 -5.93 -6.99
CA HIS B 10 11.65 -6.03 -7.45
C HIS B 10 10.91 -4.70 -7.33
N TYR B 11 11.19 -3.94 -6.27
CA TYR B 11 10.55 -2.61 -6.07
C TYR B 11 11.31 -1.47 -6.75
N ARG B 12 12.39 -1.79 -7.45
CA ARG B 12 13.28 -0.74 -8.04
C ARG B 12 13.71 0.30 -6.99
N PHE B 13 14.05 -0.23 -5.81
CA PHE B 13 14.54 0.57 -4.71
C PHE B 13 16.06 0.63 -4.84
N THR B 14 16.59 1.85 -4.99
CA THR B 14 18.02 2.05 -5.22
C THR B 14 18.71 2.73 -4.06
N ASP B 15 20.03 2.85 -4.16
CA ASP B 15 20.79 3.62 -3.17
C ASP B 15 20.27 5.08 -3.07
N GLU B 16 19.77 5.64 -4.18
CA GLU B 16 19.17 6.98 -4.14
C GLU B 16 17.92 7.01 -3.26
N ASP B 17 17.04 5.99 -3.38
CA ASP B 17 15.90 5.94 -2.47
C ASP B 17 16.36 5.86 -1.02
N ALA B 18 17.37 5.03 -0.73
CA ALA B 18 17.86 4.91 0.66
C ALA B 18 18.38 6.27 1.19
N GLU B 19 19.09 7.01 0.33
CA GLU B 19 19.59 8.33 0.70
C GLU B 19 18.47 9.33 0.91
N LEU B 20 17.47 9.30 0.04
CA LEU B 20 16.31 10.20 0.27
C LEU B 20 15.61 9.88 1.59
N LEU B 21 15.39 8.59 1.88
CA LEU B 21 14.77 8.26 3.17
C LEU B 21 15.62 8.72 4.35
N GLY B 22 16.95 8.55 4.26
CA GLY B 22 17.82 9.03 5.34
C GLY B 22 17.71 10.54 5.51
N SER B 23 17.52 11.25 4.40
CA SER B 23 17.38 12.72 4.44
C SER B 23 16.08 13.20 5.07
N LEU B 24 15.11 12.29 5.22
CA LEU B 24 13.84 12.64 5.84
C LEU B 24 13.81 12.36 7.34
N PHE B 25 14.93 11.88 7.89
CA PHE B 25 14.97 11.56 9.31
C PHE B 25 14.67 12.77 10.23
N PRO B 26 15.35 13.94 10.01
CA PRO B 26 15.00 15.07 10.90
C PRO B 26 13.54 15.53 10.81
N LEU B 27 12.97 15.50 9.60
CA LEU B 27 11.56 15.79 9.41
C LEU B 27 10.69 14.78 10.17
N ALA B 28 11.06 13.51 10.09
CA ALA B 28 10.37 12.46 10.83
C ALA B 28 10.42 12.71 12.34
N GLU B 29 11.58 13.15 12.82
CA GLU B 29 11.79 13.33 14.24
C GLU B 29 10.92 14.46 14.80
N THR B 30 10.68 15.47 13.97
CA THR B 30 9.86 16.61 14.37
C THR B 30 8.36 16.39 14.16
N ASN B 31 8.00 15.19 13.67
CA ASN B 31 6.58 14.84 13.50
C ASN B 31 6.19 13.55 14.20
N LYS B 32 7.13 12.95 14.93
CA LYS B 32 6.92 11.59 15.45
C LYS B 32 5.86 11.52 16.56
N GLU B 33 5.73 12.54 17.41
CA GLU B 33 4.73 12.50 18.50
C GLU B 33 3.34 12.69 17.91
N ARG B 34 3.22 13.56 16.90
CA ARG B 34 1.94 13.73 16.21
C ARG B 34 1.51 12.45 15.50
N LEU B 35 2.47 11.78 14.87
CA LEU B 35 2.20 10.48 14.24
C LEU B 35 1.74 9.48 15.31
N ALA B 36 2.46 9.42 16.43
CA ALA B 36 2.22 8.40 17.45
C ALA B 36 0.79 8.58 18.00
N ASP B 37 0.40 9.84 18.25
CA ASP B 37 -0.94 10.13 18.81
C ASP B 37 -2.02 9.77 17.80
N GLN B 38 -1.84 10.15 16.52
CA GLN B 38 -2.86 9.89 15.51
C GLN B 38 -3.00 8.39 15.25
N PHE B 39 -1.87 7.68 15.20
CA PHE B 39 -1.87 6.24 14.99
CA PHE B 39 -1.85 6.23 14.99
C PHE B 39 -2.60 5.53 16.13
N TYR B 40 -2.24 5.85 17.38
CA TYR B 40 -2.82 5.16 18.52
C TYR B 40 -4.29 5.49 18.65
N ASP B 41 -4.65 6.74 18.44
CA ASP B 41 -6.07 7.13 18.51
C ASP B 41 -6.92 6.45 17.43
N TYR B 42 -6.33 6.23 16.25
CA TYR B 42 -7.07 5.53 15.16
C TYR B 42 -7.36 4.10 15.63
N LEU B 43 -6.38 3.43 16.24
CA LEU B 43 -6.61 2.07 16.72
C LEU B 43 -7.62 2.02 17.88
N LEU B 44 -7.59 3.01 18.77
CA LEU B 44 -8.61 3.09 19.83
C LEU B 44 -10.03 3.28 19.27
N GLY B 45 -10.13 3.82 18.06
CA GLY B 45 -11.41 4.15 17.42
C GLY B 45 -12.09 3.06 16.63
N ILE B 46 -11.44 1.91 16.50
CA ILE B 46 -12.06 0.71 15.98
C ILE B 46 -12.14 -0.35 17.09
N PRO B 47 -13.36 -0.83 17.45
CA PRO B 47 -13.46 -1.74 18.60
C PRO B 47 -12.57 -2.97 18.51
N GLU B 48 -12.44 -3.55 17.31
CA GLU B 48 -11.62 -4.76 17.11
C GLU B 48 -10.14 -4.54 17.44
N THR B 49 -9.61 -3.37 17.10
CA THR B 49 -8.19 -3.10 17.42
C THR B 49 -8.05 -2.59 18.85
N ALA B 50 -9.05 -1.84 19.33
CA ALA B 50 -8.97 -1.36 20.70
C ALA B 50 -8.85 -2.53 21.70
N GLU B 51 -9.42 -3.70 21.39
CA GLU B 51 -9.28 -4.90 22.26
C GLU B 51 -7.82 -5.21 22.58
N PHE B 52 -6.92 -5.02 21.60
CA PHE B 52 -5.49 -5.33 21.77
C PHE B 52 -4.72 -4.30 22.56
N LEU B 53 -5.39 -3.19 22.94
CA LEU B 53 -4.73 -2.11 23.65
C LEU B 53 -5.18 -2.11 25.12
N LYS B 54 -6.03 -3.09 25.49
CA LYS B 54 -6.53 -3.14 26.87
C LYS B 54 -5.40 -3.23 27.87
N GLU B 55 -4.44 -4.11 27.64
CA GLU B 55 -3.38 -4.31 28.62
C GLU B 55 -2.43 -3.13 28.66
N ASP B 56 -2.43 -2.34 27.58
CA ASP B 56 -1.49 -1.24 27.41
C ASP B 56 -1.91 0.07 28.06
N LEU B 57 -3.09 0.05 28.67
CA LEU B 57 -3.82 1.27 29.02
C LEU B 57 -3.03 2.35 29.82
N VAL B 58 -2.40 1.92 30.92
CA VAL B 58 -1.74 2.84 31.87
C VAL B 58 -0.49 3.55 31.34
N LEU B 59 0.45 2.76 30.80
CA LEU B 59 1.77 3.28 30.43
C LEU B 59 1.94 3.55 28.95
N GLN B 60 1.06 2.98 28.13
CA GLN B 60 1.06 3.23 26.67
C GLN B 60 2.44 2.92 26.03
N LYS B 61 3.02 1.80 26.47
CA LYS B 61 4.29 1.36 25.94
C LYS B 61 4.11 1.15 24.46
N LEU B 62 2.94 0.65 24.05
CA LEU B 62 2.79 0.35 22.60
C LEU B 62 2.75 1.61 21.74
N LYS B 63 2.30 2.72 22.30
CA LYS B 63 2.33 3.97 21.55
C LYS B 63 3.79 4.31 21.16
N GLN B 64 4.71 4.14 22.12
CA GLN B 64 6.13 4.33 21.86
C GLN B 64 6.74 3.32 20.88
N THR B 65 6.33 2.06 21.03
CA THR B 65 6.82 1.02 20.15
C THR B 65 6.50 1.35 18.71
N HIS B 66 5.28 1.78 18.44
CA HIS B 66 4.87 2.13 17.07
CA HIS B 66 4.89 2.13 17.07
C HIS B 66 5.55 3.41 16.59
N GLN B 67 5.75 4.37 17.52
CA GLN B 67 6.47 5.62 17.17
C GLN B 67 7.90 5.28 16.72
N ASP B 68 8.57 4.42 17.49
CA ASP B 68 9.95 4.08 17.19
C ASP B 68 10.07 3.38 15.82
N TRP B 69 9.08 2.52 15.49
CA TRP B 69 9.09 1.90 14.15
C TRP B 69 9.04 2.99 13.05
N PHE B 70 8.18 4.00 13.26
CA PHE B 70 8.01 5.04 12.24
C PHE B 70 9.33 5.76 11.96
N VAL B 71 10.05 6.10 13.03
CA VAL B 71 11.32 6.81 12.82
C VAL B 71 12.33 5.88 12.13
N SER B 72 12.24 4.56 12.41
CA SER B 72 13.19 3.58 11.81
C SER B 72 13.07 3.46 10.29
N LEU B 73 11.92 3.89 9.75
CA LEU B 73 11.75 3.88 8.28
C LEU B 73 12.85 4.72 7.60
N PHE B 74 13.38 5.71 8.34
CA PHE B 74 14.26 6.78 7.79
C PHE B 74 15.72 6.58 8.20
N ALA B 75 16.11 5.33 8.49
CA ALA B 75 17.49 5.05 8.92
C ALA B 75 18.48 5.26 7.80
N GLY B 76 18.06 5.12 6.54
CA GLY B 76 18.97 5.34 5.42
C GLY B 76 19.88 4.21 5.01
N SER B 77 19.78 3.07 5.69
CA SER B 77 20.53 1.86 5.33
C SER B 77 19.61 0.66 5.57
N TYR B 78 19.55 -0.27 4.63
CA TYR B 78 18.61 -1.37 4.71
C TYR B 78 19.18 -2.63 4.06
N ASP B 79 19.51 -3.62 4.89
CA ASP B 79 20.13 -4.88 4.39
C ASP B 79 19.34 -6.07 4.95
N ASN B 80 19.93 -7.28 4.99
CA ASN B 80 19.14 -8.43 5.44
C ASN B 80 18.65 -8.31 6.88
N ARG B 81 19.34 -7.51 7.70
CA ARG B 81 18.91 -7.21 9.06
CA ARG B 81 18.87 -7.30 9.07
C ARG B 81 17.51 -6.64 9.03
N TYR B 82 17.27 -5.73 8.09
CA TYR B 82 15.98 -5.03 8.02
C TYR B 82 14.83 -5.99 7.65
N ILE B 83 15.08 -6.88 6.70
CA ILE B 83 14.05 -7.89 6.35
C ILE B 83 13.77 -8.83 7.53
N HIS B 84 14.82 -9.32 8.19
CA HIS B 84 14.61 -10.16 9.39
C HIS B 84 13.80 -9.47 10.47
N ASN B 85 14.09 -8.19 10.71
CA ASN B 85 13.36 -7.47 11.71
C ASN B 85 11.89 -7.32 11.29
N LEU B 86 11.64 -7.10 10.00
CA LEU B 86 10.22 -7.02 9.57
C LEU B 86 9.49 -8.34 9.75
N GLN B 87 10.19 -9.45 9.55
CA GLN B 87 9.56 -10.74 9.87
C GLN B 87 9.20 -10.87 11.35
N LYS B 88 10.08 -10.43 12.22
CA LYS B 88 9.82 -10.40 13.64
C LYS B 88 8.62 -9.50 13.95
N ILE B 89 8.55 -8.36 13.26
CA ILE B 89 7.42 -7.44 13.52
C ILE B 89 6.10 -8.09 13.07
N GLY B 90 6.08 -8.67 11.88
CA GLY B 90 4.87 -9.34 11.41
C GLY B 90 4.47 -10.45 12.38
N HIS B 91 5.46 -11.27 12.76
CA HIS B 91 5.19 -12.38 13.67
C HIS B 91 4.61 -11.93 15.02
N ALA B 92 5.01 -10.76 15.52
CA ALA B 92 4.48 -10.27 16.78
C ALA B 92 2.94 -10.07 16.71
N HIS B 93 2.46 -9.62 15.54
CA HIS B 93 1.01 -9.42 15.36
C HIS B 93 0.30 -10.75 15.16
N VAL B 94 0.94 -11.68 14.47
CA VAL B 94 0.38 -13.03 14.33
C VAL B 94 0.19 -13.63 15.71
N ARG B 95 1.24 -13.61 16.52
CA ARG B 95 1.15 -14.29 17.80
CA ARG B 95 1.20 -14.25 17.83
C ARG B 95 0.14 -13.71 18.79
N VAL B 96 -0.08 -12.39 18.80
CA VAL B 96 -1.15 -11.83 19.65
C VAL B 96 -2.57 -12.07 19.11
N GLY B 97 -2.66 -12.45 17.84
CA GLY B 97 -3.94 -12.80 17.25
C GLY B 97 -4.64 -11.74 16.41
N LEU B 98 -3.89 -10.70 16.02
CA LEU B 98 -4.49 -9.61 15.22
C LEU B 98 -4.74 -10.07 13.77
N ASN B 99 -5.97 -9.91 13.28
CA ASN B 99 -6.27 -10.19 11.85
C ASN B 99 -5.46 -9.25 10.96
N ALA B 100 -4.83 -9.82 9.92
CA ALA B 100 -3.89 -9.06 9.07
C ALA B 100 -4.58 -7.89 8.40
N HIS B 101 -5.91 -7.96 8.19
CA HIS B 101 -6.67 -6.80 7.63
C HIS B 101 -6.29 -5.51 8.36
N TYR B 102 -6.14 -5.59 9.70
CA TYR B 102 -5.84 -4.36 10.46
C TYR B 102 -4.43 -3.82 10.25
N VAL B 103 -3.48 -4.69 9.88
CA VAL B 103 -2.15 -4.21 9.47
C VAL B 103 -2.28 -3.40 8.15
N ASN B 104 -3.07 -3.88 7.18
CA ASN B 104 -3.29 -3.07 5.98
C ASN B 104 -3.95 -1.73 6.34
N VAL B 105 -4.96 -1.76 7.22
CA VAL B 105 -5.64 -0.50 7.64
C VAL B 105 -4.61 0.47 8.23
N ALA B 106 -3.83 -0.01 9.19
CA ALA B 106 -2.85 0.86 9.87
C ALA B 106 -1.81 1.39 8.87
N MET B 107 -1.41 0.57 7.89
CA MET B 107 -0.40 1.08 6.96
C MET B 107 -1.01 2.23 6.11
N ASN B 108 -2.32 2.17 5.81
CA ASN B 108 -2.95 3.28 5.08
C ASN B 108 -2.88 4.56 5.94
N VAL B 109 -3.11 4.45 7.25
CA VAL B 109 -3.03 5.62 8.17
C VAL B 109 -1.62 6.24 8.11
N VAL B 110 -0.60 5.39 8.20
CA VAL B 110 0.77 5.91 8.17
C VAL B 110 1.11 6.51 6.80
N ARG B 111 0.66 5.85 5.73
CA ARG B 111 0.90 6.32 4.38
C ARG B 111 0.32 7.71 4.18
N GLN B 112 -0.94 7.90 4.57
CA GLN B 112 -1.58 9.21 4.36
C GLN B 112 -0.83 10.30 5.16
N PHE B 113 -0.48 9.97 6.40
CA PHE B 113 0.23 10.93 7.25
C PHE B 113 1.57 11.34 6.65
N THR B 114 2.31 10.34 6.15
CA THR B 114 3.66 10.60 5.67
C THR B 114 3.62 11.34 4.35
N LEU B 115 2.70 10.96 3.46
CA LEU B 115 2.60 11.70 2.19
C LEU B 115 2.16 13.16 2.41
N SER B 116 1.39 13.41 3.47
CA SER B 116 1.07 14.82 3.82
C SER B 116 2.30 15.59 4.32
N ILE B 117 3.18 14.93 5.08
CA ILE B 117 4.46 15.58 5.44
C ILE B 117 5.20 15.96 4.16
N ILE B 118 5.26 15.07 3.16
CA ILE B 118 5.95 15.36 1.91
CA ILE B 118 5.98 15.42 1.95
C ILE B 118 5.30 16.55 1.18
N GLN B 119 3.98 16.51 1.00
CA GLN B 119 3.31 17.61 0.30
C GLN B 119 3.50 18.94 1.03
N ASP B 120 3.45 18.89 2.34
CA ASP B 120 3.43 20.10 3.21
C ASP B 120 4.81 20.75 3.37
N ASN B 121 5.86 20.01 3.06
CA ASN B 121 7.24 20.48 3.28
C ASN B 121 8.07 20.62 2.01
N PHE B 122 7.62 20.12 0.86
CA PHE B 122 8.40 20.16 -0.39
C PHE B 122 7.61 20.79 -1.56
N PRO B 123 7.73 22.14 -1.72
CA PRO B 123 7.12 22.87 -2.83
C PRO B 123 7.59 22.42 -4.22
N ASP B 124 8.85 22.03 -4.35
CA ASP B 124 9.38 21.63 -5.66
C ASP B 124 8.77 20.31 -6.17
N PRO B 125 8.13 20.31 -7.35
CA PRO B 125 7.44 19.08 -7.82
C PRO B 125 8.35 17.84 -7.92
N GLU B 126 9.59 18.00 -8.39
CA GLU B 126 10.48 16.85 -8.55
C GLU B 126 11.10 16.37 -7.22
N GLU B 127 11.43 17.31 -6.33
CA GLU B 127 11.83 16.94 -4.95
C GLU B 127 10.71 16.15 -4.24
N ARG B 128 9.48 16.61 -4.39
CA ARG B 128 8.30 15.91 -3.89
C ARG B 128 8.12 14.53 -4.52
N ARG B 129 8.18 14.46 -5.84
CA ARG B 129 8.00 13.16 -6.51
C ARG B 129 9.00 12.11 -6.00
N GLN B 130 10.26 12.52 -5.91
CA GLN B 130 11.29 11.56 -5.59
C GLN B 130 11.11 11.06 -4.14
N ARG B 131 10.76 11.97 -3.25
CA ARG B 131 10.53 11.59 -1.86
C ARG B 131 9.28 10.71 -1.69
N ARG B 132 8.19 11.08 -2.35
CA ARG B 132 7.00 10.26 -2.36
CA ARG B 132 6.99 10.27 -2.34
C ARG B 132 7.29 8.84 -2.86
N GLU B 133 8.04 8.74 -3.97
CA GLU B 133 8.34 7.42 -4.54
C GLU B 133 9.13 6.56 -3.56
N ALA B 134 10.16 7.15 -2.91
CA ALA B 134 10.93 6.40 -1.92
C ALA B 134 10.07 5.96 -0.72
N VAL B 135 9.23 6.87 -0.23
CA VAL B 135 8.34 6.55 0.91
C VAL B 135 7.35 5.43 0.53
N GLU B 136 6.74 5.54 -0.65
CA GLU B 136 5.75 4.51 -1.01
C GLU B 136 6.46 3.13 -1.11
N LYS B 137 7.68 3.07 -1.63
CA LYS B 137 8.43 1.79 -1.70
C LYS B 137 8.67 1.24 -0.29
N ILE B 138 9.20 2.06 0.64
CA ILE B 138 9.55 1.47 1.93
C ILE B 138 8.28 1.04 2.69
N LEU B 139 7.20 1.83 2.59
CA LEU B 139 5.94 1.41 3.25
C LEU B 139 5.41 0.13 2.64
N ASP B 140 5.42 0.04 1.29
CA ASP B 140 4.94 -1.18 0.61
C ASP B 140 5.83 -2.40 0.95
N ILE B 141 7.14 -2.20 1.08
CA ILE B 141 8.02 -3.33 1.46
C ILE B 141 7.67 -3.77 2.92
N ASN B 142 7.45 -2.83 3.84
CA ASN B 142 7.07 -3.21 5.19
C ASN B 142 5.77 -4.01 5.17
N LEU B 143 4.74 -3.50 4.48
CA LEU B 143 3.47 -4.19 4.38
C LEU B 143 3.64 -5.60 3.79
N ASP B 144 4.43 -5.72 2.72
CA ASP B 144 4.68 -6.98 2.01
C ASP B 144 5.26 -8.01 3.00
N ILE B 145 6.38 -7.68 3.63
CA ILE B 145 7.00 -8.68 4.55
C ILE B 145 6.09 -8.99 5.77
N MET B 146 5.43 -7.98 6.35
CA MET B 146 4.54 -8.23 7.46
C MET B 146 3.38 -9.17 7.06
N SER B 147 2.88 -8.98 5.83
CA SER B 147 1.81 -9.84 5.32
C SER B 147 2.28 -11.28 5.21
N ALA B 148 3.54 -11.46 4.77
CA ALA B 148 4.12 -12.82 4.60
C ALA B 148 4.17 -13.61 5.92
N SER B 149 4.23 -12.92 7.04
CA SER B 149 4.26 -13.60 8.34
C SER B 149 2.99 -14.39 8.64
N TYR B 150 1.91 -14.04 7.95
CA TYR B 150 0.63 -14.73 8.15
C TYR B 150 0.46 -15.95 7.24
N ARG B 151 1.48 -16.26 6.44
CA ARG B 151 1.41 -17.43 5.52
C ARG B 151 2.46 -18.45 5.99
N GLU B 152 2.07 -19.72 6.19
CA GLU B 152 2.99 -20.77 6.61
C GLU B 152 4.20 -21.01 5.67
#